data_5WSV
#
_entry.id   5WSV
#
_cell.length_a   38.683
_cell.length_b   89.755
_cell.length_c   45.724
_cell.angle_alpha   90.000
_cell.angle_beta   106.030
_cell.angle_gamma   90.000
#
_symmetry.space_group_name_H-M   'P 1 21 1'
#
loop_
_entity.id
_entity.type
_entity.pdbx_description
1 polymer Calmodulin
2 polymer 'Unconventional myosin-VIIa'
3 non-polymer 'CALCIUM ION'
4 non-polymer 'SULFATE ION'
5 water water
#
loop_
_entity_poly.entity_id
_entity_poly.type
_entity_poly.pdbx_seq_one_letter_code
_entity_poly.pdbx_strand_id
1 'polypeptide(L)'
;GPGSMADQLTEEQIAEFKEAFSLFDKDGDGTITTKELGTVMRSLGQNPTEAELQDMINEVDADGNGTIDFPEFLTMMARK
MKDTDSEEEIREAFRVFDKDGNGYISAAELRHVMTNLGEKLTDEEVDEMIREADIDGDGQVNYEEFVQMMT
;
A,C
2 'polypeptide(L)' GPGSLVRKAFRHRLWAVITVQAYARGMIARRLHRRLRVEYQRRLEAE B,D
#
loop_
_chem_comp.id
_chem_comp.type
_chem_comp.name
_chem_comp.formula
CA non-polymer 'CALCIUM ION' 'Ca 2'
SO4 non-polymer 'SULFATE ION' 'O4 S -2'
#
# COMPACT_ATOMS: atom_id res chain seq x y z
N LEU A 9 -19.14 4.35 -21.21
CA LEU A 9 -20.19 5.17 -20.53
C LEU A 9 -21.48 4.36 -20.37
N THR A 10 -21.39 3.21 -19.73
CA THR A 10 -22.55 2.37 -19.42
C THR A 10 -23.29 2.87 -18.18
N GLU A 11 -24.47 2.30 -17.94
CA GLU A 11 -25.22 2.56 -16.71
C GLU A 11 -24.49 2.01 -15.50
N GLU A 12 -23.81 0.87 -15.65
CA GLU A 12 -23.02 0.33 -14.54
C GLU A 12 -21.97 1.31 -14.07
N GLN A 13 -21.22 1.88 -15.00
CA GLN A 13 -20.19 2.83 -14.64
C GLN A 13 -20.79 4.01 -13.90
N ILE A 14 -21.94 4.51 -14.40
CA ILE A 14 -22.60 5.66 -13.78
C ILE A 14 -22.99 5.37 -12.30
N ALA A 15 -23.55 4.19 -12.06
CA ALA A 15 -23.86 3.76 -10.71
C ALA A 15 -22.63 3.70 -9.81
N GLU A 16 -21.53 3.13 -10.32
CA GLU A 16 -20.32 3.04 -9.54
C GLU A 16 -19.77 4.43 -9.28
N PHE A 17 -19.79 5.29 -10.30
CA PHE A 17 -19.37 6.70 -10.09
C PHE A 17 -20.22 7.40 -9.04
N LYS A 18 -21.52 7.16 -9.07
CA LYS A 18 -22.42 7.77 -8.11
C LYS A 18 -22.15 7.28 -6.67
N GLU A 19 -21.90 6.00 -6.51
CA GLU A 19 -21.66 5.47 -5.18
C GLU A 19 -20.34 6.02 -4.56
N ALA A 20 -19.33 6.23 -5.42
CA ALA A 20 -18.07 6.86 -5.00
C ALA A 20 -18.27 8.31 -4.62
N PHE A 21 -19.08 9.01 -5.41
CA PHE A 21 -19.34 10.42 -5.14
C PHE A 21 -20.10 10.58 -3.83
N SER A 22 -21.08 9.71 -3.55
CA SER A 22 -21.85 9.82 -2.29
C SER A 22 -20.97 9.59 -1.07
N LEU A 23 -20.02 8.67 -1.20
CA LEU A 23 -19.10 8.37 -0.09
C LEU A 23 -18.25 9.58 0.26
N PHE A 24 -17.77 10.26 -0.77
CA PHE A 24 -16.97 11.49 -0.55
C PHE A 24 -17.78 12.68 -0.06
N ASP A 25 -19.01 12.83 -0.54
CA ASP A 25 -19.83 13.93 -0.10
C ASP A 25 -20.43 13.63 1.27
N LYS A 26 -19.59 13.77 2.27
CA LYS A 26 -19.89 13.40 3.64
C LYS A 26 -21.07 14.19 4.25
N ASP A 27 -21.32 15.41 3.80
CA ASP A 27 -22.48 16.17 4.29
C ASP A 27 -23.66 16.25 3.32
N GLY A 28 -23.55 15.64 2.14
CA GLY A 28 -24.67 15.53 1.21
C GLY A 28 -25.10 16.81 0.51
N ASP A 29 -24.20 17.77 0.37
CA ASP A 29 -24.52 19.06 -0.28
C ASP A 29 -24.50 19.00 -1.79
N GLY A 30 -24.00 17.89 -2.33
CA GLY A 30 -23.86 17.73 -3.78
C GLY A 30 -22.49 18.09 -4.32
N THR A 31 -21.55 18.46 -3.45
CA THR A 31 -20.20 18.77 -3.85
C THR A 31 -19.22 18.08 -2.92
N ILE A 32 -17.96 18.05 -3.36
CA ILE A 32 -16.86 17.43 -2.61
C ILE A 32 -15.82 18.49 -2.34
N THR A 33 -15.59 18.82 -1.07
CA THR A 33 -14.55 19.80 -0.74
C THR A 33 -13.18 19.12 -0.62
N THR A 34 -12.18 19.92 -0.31
CA THR A 34 -10.85 19.45 -0.08
C THR A 34 -10.77 18.57 1.17
N LYS A 35 -11.46 18.95 2.24
CA LYS A 35 -11.41 18.22 3.50
C LYS A 35 -12.16 16.89 3.40
N GLU A 36 -13.23 16.86 2.62
CA GLU A 36 -13.99 15.63 2.39
C GLU A 36 -13.15 14.63 1.59
N LEU A 37 -12.50 15.13 0.57
CA LEU A 37 -11.63 14.31 -0.26
C LEU A 37 -10.46 13.77 0.56
N GLY A 38 -9.95 14.62 1.47
CA GLY A 38 -8.89 14.18 2.38
C GLY A 38 -9.38 13.10 3.34
N THR A 39 -10.48 13.40 4.02
CA THR A 39 -10.97 12.53 5.07
C THR A 39 -11.33 11.11 4.57
N VAL A 40 -12.03 11.02 3.46
CA VAL A 40 -12.35 9.73 2.92
C VAL A 40 -11.11 8.98 2.42
N MET A 41 -10.18 9.67 1.79
CA MET A 41 -8.99 9.01 1.29
C MET A 41 -8.18 8.41 2.41
N ARG A 42 -8.07 9.11 3.56
CA ARG A 42 -7.31 8.55 4.68
C ARG A 42 -8.03 7.46 5.42
N SER A 43 -9.35 7.47 5.41
CA SER A 43 -10.13 6.40 5.98
C SER A 43 -9.91 5.09 5.23
N LEU A 44 -9.42 5.16 3.99
CA LEU A 44 -9.13 4.01 3.17
C LEU A 44 -7.65 3.81 2.91
N GLY A 45 -6.81 4.24 3.87
CA GLY A 45 -5.39 3.97 3.83
C GLY A 45 -4.52 4.83 2.92
N GLN A 46 -5.11 5.78 2.19
CA GLN A 46 -4.28 6.68 1.38
C GLN A 46 -3.76 7.84 2.22
N ASN A 47 -2.56 8.32 1.87
CA ASN A 47 -1.89 9.41 2.63
C ASN A 47 -1.56 10.63 1.76
N PRO A 48 -2.58 11.27 1.19
CA PRO A 48 -2.32 12.47 0.38
C PRO A 48 -1.96 13.66 1.18
N THR A 49 -1.04 14.47 0.66
CA THR A 49 -0.70 15.74 1.31
C THR A 49 -1.77 16.77 1.06
N GLU A 50 -1.85 17.77 1.91
CA GLU A 50 -2.77 18.88 1.68
C GLU A 50 -2.46 19.55 0.36
N ALA A 51 -1.21 19.54 -0.07
CA ALA A 51 -0.83 20.12 -1.36
C ALA A 51 -1.47 19.39 -2.56
N GLU A 52 -1.49 18.04 -2.53
CA GLU A 52 -2.15 17.30 -3.60
C GLU A 52 -3.67 17.33 -3.53
N LEU A 53 -4.22 17.42 -2.34
CA LEU A 53 -5.66 17.60 -2.18
C LEU A 53 -6.16 18.92 -2.83
N GLN A 54 -5.50 20.04 -2.55
CA GLN A 54 -5.89 21.28 -3.21
C GLN A 54 -5.69 21.20 -4.72
N ASP A 55 -4.59 20.58 -5.16
CA ASP A 55 -4.35 20.41 -6.59
C ASP A 55 -5.40 19.56 -7.30
N MET A 56 -5.80 18.46 -6.65
CA MET A 56 -6.87 17.62 -7.22
C MET A 56 -8.20 18.36 -7.22
N ILE A 57 -8.45 19.19 -6.21
CA ILE A 57 -9.66 20.01 -6.20
C ILE A 57 -9.65 21.05 -7.32
N ASN A 58 -8.52 21.69 -7.52
CA ASN A 58 -8.44 22.71 -8.59
C ASN A 58 -8.49 22.11 -9.99
N GLU A 59 -7.99 20.89 -10.15
CA GLU A 59 -7.95 20.25 -11.49
C GLU A 59 -9.35 19.79 -11.94
N VAL A 60 -10.17 19.34 -11.01
CA VAL A 60 -11.44 18.75 -11.34
C VAL A 60 -12.54 19.82 -11.31
N ASP A 61 -12.41 20.80 -10.41
CA ASP A 61 -13.35 21.92 -10.39
C ASP A 61 -13.23 22.73 -11.66
N ALA A 62 -14.17 22.57 -12.58
CA ALA A 62 -14.08 23.21 -13.88
C ALA A 62 -14.45 24.69 -13.76
N ASP A 63 -15.63 25.00 -13.23
CA ASP A 63 -16.08 26.40 -13.07
C ASP A 63 -15.37 27.22 -11.97
N GLY A 64 -14.40 26.64 -11.28
CA GLY A 64 -13.62 27.38 -10.32
C GLY A 64 -14.37 27.80 -9.06
N ASN A 65 -15.49 27.16 -8.74
CA ASN A 65 -16.22 27.48 -7.52
C ASN A 65 -15.59 26.92 -6.24
N GLY A 66 -14.54 26.10 -6.39
CA GLY A 66 -13.76 25.59 -5.29
C GLY A 66 -14.14 24.20 -4.83
N THR A 67 -15.19 23.60 -5.41
CA THR A 67 -15.64 22.27 -5.03
C THR A 67 -15.93 21.45 -6.27
N ILE A 68 -16.21 20.17 -6.08
CA ILE A 68 -16.47 19.26 -7.19
C ILE A 68 -17.90 18.81 -7.07
N ASP A 69 -18.71 19.16 -8.06
CA ASP A 69 -20.06 18.60 -8.16
C ASP A 69 -20.04 17.33 -9.00
N PHE A 70 -21.17 16.61 -9.01
CA PHE A 70 -21.23 15.30 -9.70
C PHE A 70 -20.95 15.34 -11.20
N PRO A 71 -21.51 16.31 -11.94
CA PRO A 71 -21.11 16.43 -13.37
C PRO A 71 -19.61 16.68 -13.58
N GLU A 72 -19.00 17.50 -12.72
CA GLU A 72 -17.53 17.70 -12.78
C GLU A 72 -16.76 16.41 -12.46
N PHE A 73 -17.17 15.72 -11.39
CA PHE A 73 -16.59 14.43 -11.07
C PHE A 73 -16.81 13.45 -12.21
N LEU A 74 -18.00 13.48 -12.81
CA LEU A 74 -18.32 12.57 -13.90
C LEU A 74 -17.50 12.84 -15.15
N THR A 75 -17.29 14.11 -15.49
CA THR A 75 -16.49 14.46 -16.65
C THR A 75 -15.10 13.89 -16.49
N MET A 76 -14.58 13.98 -15.27
CA MET A 76 -13.21 13.59 -14.98
C MET A 76 -13.08 12.07 -15.04
N MET A 77 -14.00 11.38 -14.36
CA MET A 77 -13.92 9.93 -14.25
C MET A 77 -14.33 9.17 -15.50
N ALA A 78 -15.00 9.86 -16.43
CA ALA A 78 -15.41 9.23 -17.70
C ALA A 78 -14.26 9.01 -18.70
N ARG A 79 -13.15 9.71 -18.56
CA ARG A 79 -12.02 9.53 -19.48
C ARG A 79 -10.94 8.66 -18.82
N LYS A 80 -10.26 7.84 -19.60
CA LYS A 80 -9.08 7.13 -19.15
C LYS A 80 -9.41 6.08 -18.11
N MET A 81 -10.54 5.38 -18.31
CA MET A 81 -11.05 4.51 -17.26
C MET A 81 -10.14 3.28 -17.05
N LYS A 82 -9.89 2.95 -15.79
CA LYS A 82 -9.24 1.71 -15.41
C LYS A 82 -10.32 0.65 -15.13
N ASP A 83 -9.93 -0.55 -14.73
CA ASP A 83 -10.84 -1.68 -14.60
C ASP A 83 -10.74 -2.28 -13.21
N THR A 84 -11.90 -2.40 -12.53
CA THR A 84 -11.96 -2.90 -11.15
C THR A 84 -11.56 -4.36 -11.04
N ASP A 85 -11.59 -5.08 -12.15
CA ASP A 85 -11.15 -6.48 -12.18
C ASP A 85 -9.72 -6.61 -12.65
N SER A 86 -9.06 -5.48 -12.97
CA SER A 86 -7.68 -5.52 -13.37
C SER A 86 -6.84 -5.76 -12.12
N GLU A 87 -5.73 -6.45 -12.32
CA GLU A 87 -4.81 -6.76 -11.22
C GLU A 87 -4.23 -5.47 -10.63
N GLU A 88 -4.17 -4.40 -11.40
CA GLU A 88 -3.73 -3.12 -10.86
C GLU A 88 -4.75 -2.60 -9.83
N GLU A 89 -6.02 -2.61 -10.13
CA GLU A 89 -6.99 -2.17 -9.14
C GLU A 89 -7.18 -3.23 -8.03
N ILE A 90 -7.03 -4.52 -8.36
CA ILE A 90 -7.07 -5.56 -7.32
C ILE A 90 -5.93 -5.33 -6.30
N ARG A 91 -4.75 -4.97 -6.81
CA ARG A 91 -3.57 -4.67 -5.96
C ARG A 91 -3.87 -3.46 -5.06
N GLU A 92 -4.36 -2.41 -5.66
CA GLU A 92 -4.70 -1.22 -4.91
C GLU A 92 -5.83 -1.47 -3.92
N ALA A 93 -6.72 -2.40 -4.24
CA ALA A 93 -7.80 -2.73 -3.31
C ALA A 93 -7.25 -3.53 -2.15
N PHE A 94 -6.27 -4.40 -2.40
CA PHE A 94 -5.65 -5.14 -1.31
C PHE A 94 -4.90 -4.26 -0.31
N ARG A 95 -4.37 -3.12 -0.78
CA ARG A 95 -3.70 -2.17 0.09
C ARG A 95 -4.72 -1.60 1.12
N VAL A 96 -5.96 -1.41 0.67
CA VAL A 96 -7.00 -0.90 1.55
C VAL A 96 -7.42 -1.93 2.60
N PHE A 97 -7.77 -3.14 2.15
CA PHE A 97 -8.23 -4.16 3.06
C PHE A 97 -7.16 -4.58 4.04
N ASP A 98 -5.98 -4.89 3.54
CA ASP A 98 -4.86 -5.25 4.41
C ASP A 98 -4.25 -3.96 4.99
N LYS A 99 -4.88 -3.44 6.03
CA LYS A 99 -4.55 -2.11 6.55
C LYS A 99 -3.18 -2.07 7.27
N ASP A 100 -2.87 -3.09 8.06
CA ASP A 100 -1.62 -3.11 8.83
C ASP A 100 -0.41 -3.49 7.97
N GLY A 101 -0.67 -3.98 6.76
CA GLY A 101 0.41 -4.25 5.81
C GLY A 101 1.17 -5.53 6.06
N ASN A 102 0.52 -6.54 6.65
CA ASN A 102 1.19 -7.82 6.89
C ASN A 102 1.01 -8.83 5.76
N GLY A 103 0.15 -8.51 4.80
CA GLY A 103 -0.16 -9.40 3.68
C GLY A 103 -1.37 -10.32 3.88
N TYR A 104 -2.15 -10.12 4.96
CA TYR A 104 -3.31 -10.93 5.24
C TYR A 104 -4.42 -10.02 5.77
N ILE A 105 -5.63 -10.18 5.25
CA ILE A 105 -6.77 -9.38 5.73
C ILE A 105 -7.41 -10.07 6.92
N SER A 106 -7.44 -9.41 8.06
CA SER A 106 -8.13 -9.93 9.25
C SER A 106 -9.56 -9.44 9.32
N ALA A 107 -10.33 -10.05 10.21
CA ALA A 107 -11.72 -9.64 10.42
C ALA A 107 -11.84 -8.23 10.97
N ALA A 108 -10.95 -7.84 11.88
CA ALA A 108 -11.01 -6.45 12.39
C ALA A 108 -10.73 -5.43 11.28
N GLU A 109 -9.84 -5.78 10.37
CA GLU A 109 -9.51 -4.96 9.19
C GLU A 109 -10.71 -4.86 8.26
N LEU A 110 -11.32 -6.00 7.95
CA LEU A 110 -12.53 -5.98 7.13
C LEU A 110 -13.62 -5.20 7.83
N ARG A 111 -13.70 -5.35 9.15
CA ARG A 111 -14.67 -4.58 9.92
C ARG A 111 -14.38 -3.06 9.78
N HIS A 112 -13.12 -2.68 9.88
CA HIS A 112 -12.75 -1.27 9.86
CA HIS A 112 -12.76 -1.27 9.85
C HIS A 112 -13.01 -0.63 8.49
N VAL A 113 -12.78 -1.39 7.44
CA VAL A 113 -13.01 -0.88 6.07
C VAL A 113 -14.51 -0.74 5.79
N MET A 114 -15.26 -1.77 6.15
CA MET A 114 -16.72 -1.74 6.02
C MET A 114 -17.33 -0.58 6.82
N THR A 115 -16.74 -0.25 7.95
CA THR A 115 -17.18 0.86 8.71
C THR A 115 -16.93 2.15 7.93
N ASN A 116 -15.77 2.24 7.29
CA ASN A 116 -15.47 3.48 6.53
C ASN A 116 -16.27 3.65 5.24
N LEU A 117 -16.95 2.60 4.77
CA LEU A 117 -17.79 2.70 3.57
C LEU A 117 -19.25 2.95 3.90
N GLY A 118 -19.60 3.06 5.18
CA GLY A 118 -20.98 3.30 5.62
C GLY A 118 -21.81 2.04 5.89
N GLU A 119 -21.18 0.89 6.08
CA GLU A 119 -21.92 -0.37 6.38
C GLU A 119 -21.92 -0.62 7.89
N LYS A 120 -23.09 -1.01 8.42
CA LYS A 120 -23.22 -1.32 9.86
C LYS A 120 -23.42 -2.82 9.98
N LEU A 121 -22.30 -3.54 10.00
CA LEU A 121 -22.32 -4.99 10.01
C LEU A 121 -21.88 -5.51 11.37
N THR A 122 -22.60 -6.51 11.86
CA THR A 122 -22.21 -7.21 13.08
C THR A 122 -20.97 -8.05 12.84
N ASP A 123 -20.32 -8.43 13.93
CA ASP A 123 -19.06 -9.14 13.82
C ASP A 123 -19.20 -10.55 13.27
N GLU A 124 -20.38 -11.15 13.40
CA GLU A 124 -20.63 -12.47 12.84
C GLU A 124 -20.70 -12.40 11.32
N GLU A 125 -21.31 -11.33 10.80
CA GLU A 125 -21.42 -11.15 9.35
C GLU A 125 -20.03 -11.02 8.74
N VAL A 126 -19.17 -10.28 9.41
CA VAL A 126 -17.84 -10.06 8.91
C VAL A 126 -17.06 -11.37 8.97
N ASP A 127 -17.22 -12.11 10.07
CA ASP A 127 -16.54 -13.41 10.20
C ASP A 127 -16.95 -14.40 9.12
N GLU A 128 -18.23 -14.40 8.76
CA GLU A 128 -18.70 -15.23 7.65
C GLU A 128 -18.00 -14.88 6.34
N MET A 129 -17.81 -13.58 6.07
CA MET A 129 -17.15 -13.14 4.83
C MET A 129 -15.73 -13.69 4.78
N ILE A 130 -15.05 -13.66 5.93
CA ILE A 130 -13.69 -14.13 6.04
C ILE A 130 -13.66 -15.63 5.75
N ARG A 131 -14.58 -16.37 6.35
CA ARG A 131 -14.65 -17.84 6.17
C ARG A 131 -14.95 -18.21 4.73
N GLU A 132 -15.93 -17.54 4.13
CA GLU A 132 -16.30 -17.82 2.73
C GLU A 132 -15.10 -17.62 1.79
N ALA A 133 -14.17 -16.73 2.20
CA ALA A 133 -12.96 -16.47 1.44
C ALA A 133 -11.73 -17.21 1.92
N ASP A 134 -11.69 -17.67 3.17
CA ASP A 134 -10.46 -18.27 3.71
C ASP A 134 -10.34 -19.70 3.25
N ILE A 135 -9.43 -19.94 2.32
CA ILE A 135 -9.27 -21.26 1.75
C ILE A 135 -8.42 -22.14 2.67
N ASP A 136 -7.25 -21.65 3.08
CA ASP A 136 -6.36 -22.42 3.96
C ASP A 136 -6.79 -22.45 5.43
N GLY A 137 -7.89 -21.78 5.77
CA GLY A 137 -8.43 -21.85 7.13
C GLY A 137 -7.56 -21.18 8.19
N ASP A 138 -6.64 -20.30 7.79
CA ASP A 138 -5.78 -19.65 8.76
C ASP A 138 -6.46 -18.46 9.46
N GLY A 139 -7.71 -18.18 9.10
CA GLY A 139 -8.50 -17.13 9.74
C GLY A 139 -8.40 -15.76 9.09
N GLN A 140 -7.53 -15.62 8.08
CA GLN A 140 -7.34 -14.35 7.37
C GLN A 140 -7.37 -14.60 5.87
N VAL A 141 -7.33 -13.53 5.09
CA VAL A 141 -7.39 -13.64 3.65
C VAL A 141 -6.14 -13.03 3.04
N ASN A 142 -5.37 -13.85 2.35
CA ASN A 142 -4.16 -13.39 1.67
C ASN A 142 -4.49 -12.95 0.26
N TYR A 143 -3.48 -12.61 -0.52
CA TYR A 143 -3.72 -12.07 -1.88
C TYR A 143 -4.37 -13.08 -2.81
N GLU A 144 -3.94 -14.34 -2.72
CA GLU A 144 -4.50 -15.41 -3.56
C GLU A 144 -5.97 -15.59 -3.27
N GLU A 145 -6.32 -15.68 -2.00
CA GLU A 145 -7.71 -15.88 -1.62
C GLU A 145 -8.52 -14.63 -1.89
N PHE A 146 -7.90 -13.46 -1.77
CA PHE A 146 -8.58 -12.20 -2.05
C PHE A 146 -8.95 -12.17 -3.50
N VAL A 147 -8.01 -12.54 -4.36
CA VAL A 147 -8.26 -12.51 -5.79
C VAL A 147 -9.36 -13.49 -6.19
N GLN A 148 -9.21 -14.75 -5.77
CA GLN A 148 -10.22 -15.79 -6.07
C GLN A 148 -11.63 -15.42 -5.54
N MET A 149 -11.68 -14.62 -4.50
CA MET A 149 -12.95 -14.15 -3.99
C MET A 149 -13.72 -13.31 -5.00
N GLY B 3 0.99 18.94 -15.43
CA GLY B 3 -0.30 19.29 -14.78
C GLY B 3 -1.38 18.22 -14.95
N SER B 4 -1.19 17.29 -15.88
CA SER B 4 -2.11 16.17 -16.06
C SER B 4 -1.70 14.97 -15.16
N LEU B 5 -0.61 15.13 -14.41
CA LEU B 5 -0.18 14.19 -13.41
C LEU B 5 -1.20 14.15 -12.30
N VAL B 6 -1.66 15.33 -11.93
CA VAL B 6 -2.72 15.52 -10.96
C VAL B 6 -4.03 14.85 -11.41
N ARG B 7 -4.33 14.93 -12.71
CA ARG B 7 -5.49 14.25 -13.28
C ARG B 7 -5.33 12.75 -13.14
N LYS B 8 -4.12 12.28 -13.38
CA LYS B 8 -3.83 10.87 -13.32
C LYS B 8 -3.97 10.35 -11.89
N ALA B 9 -3.51 11.11 -10.94
CA ALA B 9 -3.52 10.74 -9.56
C ALA B 9 -4.92 10.75 -8.99
N PHE B 10 -5.73 11.72 -9.37
CA PHE B 10 -7.12 11.71 -8.96
C PHE B 10 -7.83 10.44 -9.41
N ARG B 11 -7.66 10.06 -10.67
CA ARG B 11 -8.33 8.89 -11.22
C ARG B 11 -7.85 7.64 -10.50
N HIS B 12 -6.56 7.52 -10.30
CA HIS B 12 -5.98 6.36 -9.70
C HIS B 12 -6.51 6.22 -8.29
N ARG B 13 -6.45 7.32 -7.52
CA ARG B 13 -6.99 7.28 -6.15
C ARG B 13 -8.47 6.89 -6.13
N LEU B 14 -9.26 7.41 -7.09
CA LEU B 14 -10.69 7.16 -7.14
C LEU B 14 -11.02 5.76 -7.56
N TRP B 15 -10.29 5.23 -8.53
CA TRP B 15 -10.51 3.86 -8.99
C TRP B 15 -10.24 2.83 -7.89
N ALA B 16 -9.32 3.15 -6.99
CA ALA B 16 -9.10 2.33 -5.82
C ALA B 16 -10.34 2.34 -4.90
N VAL B 17 -10.97 3.48 -4.75
CA VAL B 17 -12.19 3.57 -3.94
C VAL B 17 -13.31 2.78 -4.60
N ILE B 18 -13.47 2.98 -5.91
CA ILE B 18 -14.54 2.31 -6.66
C ILE B 18 -14.37 0.78 -6.61
N THR B 19 -13.11 0.36 -6.64
CA THR B 19 -12.75 -1.04 -6.58
C THR B 19 -13.04 -1.61 -5.22
N VAL B 20 -12.68 -0.86 -4.18
CA VAL B 20 -12.95 -1.27 -2.81
C VAL B 20 -14.45 -1.39 -2.61
N GLN B 21 -15.18 -0.40 -3.08
CA GLN B 21 -16.62 -0.42 -2.91
C GLN B 21 -17.22 -1.61 -3.64
N ALA B 22 -16.66 -1.92 -4.83
CA ALA B 22 -17.19 -3.00 -5.62
C ALA B 22 -17.00 -4.34 -4.94
N TYR B 23 -15.91 -4.50 -4.20
CA TYR B 23 -15.68 -5.80 -3.52
C TYR B 23 -16.44 -5.90 -2.25
N ALA B 24 -16.57 -4.79 -1.53
CA ALA B 24 -17.45 -4.74 -0.33
C ALA B 24 -18.88 -5.08 -0.68
N ARG B 25 -19.39 -4.52 -1.78
CA ARG B 25 -20.71 -4.89 -2.25
C ARG B 25 -20.78 -6.38 -2.61
N GLY B 26 -19.78 -6.88 -3.28
CA GLY B 26 -19.72 -8.27 -3.71
C GLY B 26 -19.57 -9.24 -2.54
N MET B 27 -18.81 -8.87 -1.51
CA MET B 27 -18.71 -9.68 -0.31
C MET B 27 -20.06 -9.76 0.40
N ILE B 28 -20.76 -8.65 0.49
CA ILE B 28 -22.11 -8.65 1.04
C ILE B 28 -23.02 -9.50 0.14
N ALA B 29 -22.78 -9.44 -1.18
CA ALA B 29 -23.61 -10.20 -2.13
C ALA B 29 -23.43 -11.70 -2.02
N ARG B 30 -22.22 -12.15 -1.76
CA ARG B 30 -21.98 -13.58 -1.55
C ARG B 30 -22.67 -14.04 -0.25
N ARG B 31 -22.38 -13.37 0.86
CA ARG B 31 -22.99 -13.68 2.17
C ARG B 31 -24.39 -13.09 2.29
N THR C 10 24.35 -18.61 -1.78
CA THR C 10 23.86 -18.19 -0.46
C THR C 10 24.63 -17.00 0.15
N GLU C 11 25.85 -16.75 -0.28
CA GLU C 11 26.63 -15.58 0.19
C GLU C 11 25.95 -14.24 0.00
N GLU C 12 25.26 -14.09 -1.13
CA GLU C 12 24.51 -12.87 -1.39
C GLU C 12 23.27 -12.82 -0.51
N GLN C 13 22.61 -13.97 -0.33
CA GLN C 13 21.39 -14.02 0.52
C GLN C 13 21.71 -13.59 1.96
N ILE C 14 22.85 -14.05 2.45
CA ILE C 14 23.28 -13.73 3.78
C ILE C 14 23.54 -12.22 3.92
N ALA C 15 24.19 -11.64 2.90
CA ALA C 15 24.48 -10.21 2.93
C ALA C 15 23.21 -9.41 2.91
N GLU C 16 22.24 -9.87 2.12
CA GLU C 16 20.94 -9.21 2.04
C GLU C 16 20.19 -9.31 3.37
N PHE C 17 20.24 -10.48 4.01
CA PHE C 17 19.63 -10.64 5.32
C PHE C 17 20.25 -9.71 6.36
N LYS C 18 21.57 -9.59 6.30
CA LYS C 18 22.28 -8.69 7.22
C LYS C 18 21.82 -7.25 7.04
N GLU C 19 21.63 -6.86 5.78
CA GLU C 19 21.20 -5.48 5.49
C GLU C 19 19.80 -5.17 6.07
N ALA C 20 18.89 -6.11 5.95
CA ALA C 20 17.58 -5.96 6.53
C ALA C 20 17.69 -5.84 8.06
N PHE C 21 18.41 -6.77 8.66
CA PHE C 21 18.64 -6.72 10.14
C PHE C 21 19.35 -5.42 10.57
N SER C 22 20.37 -5.01 9.84
CA SER C 22 21.03 -3.75 10.19
C SER C 22 20.08 -2.54 10.14
N LEU C 23 19.16 -2.53 9.15
CA LEU C 23 18.14 -1.47 9.01
C LEU C 23 17.26 -1.41 10.25
N PHE C 24 16.86 -2.58 10.74
CA PHE C 24 16.06 -2.68 11.95
C PHE C 24 16.87 -2.43 13.21
N ASP C 25 18.16 -2.73 13.19
CA ASP C 25 19.02 -2.45 14.34
C ASP C 25 19.44 -0.99 14.32
N LYS C 26 18.47 -0.14 14.66
CA LYS C 26 18.58 1.35 14.49
C LYS C 26 19.74 1.97 15.24
N ASP C 27 19.95 1.52 16.47
CA ASP C 27 21.03 2.02 17.32
C ASP C 27 22.31 1.20 17.18
N GLY C 28 22.28 0.14 16.36
CA GLY C 28 23.49 -0.61 16.08
C GLY C 28 24.07 -1.38 17.24
N ASP C 29 23.27 -1.68 18.26
CA ASP C 29 23.72 -2.45 19.42
C ASP C 29 23.67 -3.95 19.23
N GLY C 30 23.35 -4.41 18.01
CA GLY C 30 23.34 -5.84 17.66
C GLY C 30 22.02 -6.62 17.89
N THR C 31 21.00 -5.95 18.43
CA THR C 31 19.70 -6.58 18.65
C THR C 31 18.57 -5.71 18.10
N ILE C 32 17.42 -6.33 17.89
CA ILE C 32 16.21 -5.62 17.46
C ILE C 32 15.16 -5.75 18.57
N THR C 33 14.57 -4.63 18.93
CA THR C 33 13.53 -4.63 19.92
C THR C 33 12.19 -4.45 19.24
N THR C 34 11.15 -4.27 20.03
CA THR C 34 9.85 -4.15 19.46
C THR C 34 9.66 -2.71 18.98
N LYS C 35 10.18 -1.74 19.72
CA LYS C 35 10.08 -0.34 19.26
C LYS C 35 10.79 -0.12 17.95
N GLU C 36 11.89 -0.85 17.77
CA GLU C 36 12.70 -0.77 16.57
C GLU C 36 12.00 -1.39 15.39
N LEU C 37 11.51 -2.60 15.61
CA LEU C 37 10.74 -3.31 14.61
C LEU C 37 9.54 -2.47 14.19
N GLY C 38 8.89 -1.80 15.15
CA GLY C 38 7.74 -0.96 14.82
C GLY C 38 8.12 0.35 14.14
N THR C 39 9.23 0.96 14.55
CA THR C 39 9.62 2.24 13.99
C THR C 39 9.95 2.13 12.51
N VAL C 40 10.72 1.09 12.17
CA VAL C 40 11.16 0.94 10.78
C VAL C 40 10.01 0.48 9.90
N MET C 41 9.16 -0.41 10.43
CA MET C 41 7.95 -0.80 9.68
C MET C 41 7.05 0.40 9.40
N ARG C 42 6.88 1.26 10.40
CA ARG C 42 6.09 2.48 10.18
C ARG C 42 6.79 3.44 9.25
N SER C 43 8.10 3.51 9.31
CA SER C 43 8.84 4.41 8.46
C SER C 43 8.71 4.01 6.97
N LEU C 44 8.31 2.77 6.71
CA LEU C 44 8.15 2.26 5.34
C LEU C 44 6.67 1.94 5.05
N GLY C 45 5.76 2.69 5.67
CA GLY C 45 4.35 2.63 5.36
C GLY C 45 3.65 1.35 5.81
N GLN C 46 4.15 0.69 6.85
CA GLN C 46 3.44 -0.41 7.45
C GLN C 46 2.84 0.09 8.76
N ASN C 47 1.76 -0.55 9.18
CA ASN C 47 1.00 -0.14 10.34
C ASN C 47 0.69 -1.33 11.23
N PRO C 48 1.74 -2.01 11.73
CA PRO C 48 1.49 -3.05 12.70
C PRO C 48 1.01 -2.52 14.07
N THR C 49 0.17 -3.31 14.71
CA THR C 49 -0.30 -2.98 16.05
C THR C 49 0.76 -3.43 17.04
N GLU C 50 0.70 -2.88 18.24
CA GLU C 50 1.65 -3.24 19.29
C GLU C 50 1.52 -4.70 19.68
N ALA C 51 0.31 -5.25 19.58
CA ALA C 51 0.11 -6.69 19.82
C ALA C 51 0.92 -7.52 18.82
N GLU C 52 0.82 -7.13 17.56
CA GLU C 52 1.50 -7.83 16.50
C GLU C 52 3.02 -7.77 16.69
N LEU C 53 3.51 -6.60 17.07
CA LEU C 53 4.94 -6.42 17.34
C LEU C 53 5.44 -7.35 18.43
N GLN C 54 4.74 -7.39 19.54
CA GLN C 54 5.19 -8.21 20.65
C GLN C 54 5.15 -9.67 20.25
N ASP C 55 4.06 -10.06 19.56
CA ASP C 55 3.90 -11.42 19.06
C ASP C 55 5.04 -11.80 18.13
N MET C 56 5.40 -10.91 17.21
CA MET C 56 6.50 -11.19 16.26
C MET C 56 7.83 -11.37 16.96
N ILE C 57 8.12 -10.51 17.93
CA ILE C 57 9.35 -10.59 18.70
C ILE C 57 9.45 -11.92 19.47
N ASN C 58 8.36 -12.34 20.11
CA ASN C 58 8.38 -13.59 20.88
C ASN C 58 8.53 -14.80 19.98
N GLU C 59 7.87 -14.75 18.81
CA GLU C 59 7.97 -15.84 17.86
C GLU C 59 9.39 -16.01 17.25
N VAL C 60 10.00 -14.89 16.88
CA VAL C 60 11.31 -14.94 16.28
C VAL C 60 12.40 -15.13 17.35
N ASP C 61 12.23 -14.53 18.54
CA ASP C 61 13.25 -14.60 19.61
C ASP C 61 13.34 -16.01 20.16
N ALA C 62 14.50 -16.63 19.97
CA ALA C 62 14.71 -18.02 20.37
C ALA C 62 15.00 -18.14 21.86
N ASP C 63 16.11 -17.55 22.33
CA ASP C 63 16.52 -17.67 23.73
C ASP C 63 15.66 -16.85 24.71
N GLY C 64 14.58 -16.23 24.23
CA GLY C 64 13.62 -15.55 25.10
C GLY C 64 14.17 -14.35 25.85
N ASN C 65 15.21 -13.72 25.31
CA ASN C 65 15.83 -12.56 25.95
C ASN C 65 15.02 -11.27 25.74
N GLY C 66 14.05 -11.30 24.84
CA GLY C 66 13.21 -10.14 24.57
C GLY C 66 13.48 -9.40 23.28
N THR C 67 14.60 -9.71 22.63
CA THR C 67 14.97 -9.07 21.37
C THR C 67 15.42 -10.12 20.36
N ILE C 68 15.73 -9.67 19.15
CA ILE C 68 16.24 -10.52 18.10
C ILE C 68 17.67 -10.12 17.75
N ASP C 69 18.53 -11.11 17.55
CA ASP C 69 19.91 -10.89 17.12
C ASP C 69 20.07 -11.51 15.75
N PHE C 70 21.19 -11.25 15.11
CA PHE C 70 21.37 -11.69 13.74
C PHE C 70 21.16 -13.20 13.52
N PRO C 71 21.75 -14.04 14.36
CA PRO C 71 21.50 -15.49 14.16
C PRO C 71 20.03 -15.93 14.38
N GLU C 72 19.34 -15.43 15.40
CA GLU C 72 17.90 -15.76 15.51
C GLU C 72 17.14 -15.27 14.26
N PHE C 73 17.39 -14.03 13.87
CA PHE C 73 16.76 -13.44 12.69
C PHE C 73 17.04 -14.25 11.44
N LEU C 74 18.32 -14.64 11.28
CA LEU C 74 18.75 -15.41 10.12
C LEU C 74 18.07 -16.79 10.09
N THR C 75 17.87 -17.40 11.25
CA THR C 75 17.16 -18.67 11.30
C THR C 75 15.70 -18.56 10.83
N MET C 76 15.00 -17.53 11.26
CA MET C 76 13.61 -17.34 10.85
C MET C 76 13.47 -17.05 9.34
N MET C 77 14.30 -16.15 8.80
CA MET C 77 14.21 -15.75 7.40
C MET C 77 14.78 -16.73 6.41
N ALA C 78 15.64 -17.64 6.84
CA ALA C 78 16.17 -18.64 5.91
C ALA C 78 15.12 -19.70 5.48
N ARG C 79 14.02 -19.84 6.22
CA ARG C 79 12.96 -20.82 5.85
C ARG C 79 11.85 -20.17 5.04
N LYS C 80 11.35 -20.90 4.05
CA LYS C 80 10.27 -20.48 3.16
C LYS C 80 10.61 -19.14 2.48
N MET C 81 11.75 -19.15 1.83
CA MET C 81 12.29 -17.99 1.19
C MET C 81 11.46 -17.60 -0.02
N LYS C 82 11.40 -16.31 -0.24
CA LYS C 82 10.64 -15.70 -1.33
C LYS C 82 11.61 -14.93 -2.19
N ASP C 83 11.14 -14.60 -3.38
CA ASP C 83 11.98 -13.95 -4.37
C ASP C 83 11.62 -12.47 -4.54
N THR C 84 12.65 -11.63 -4.59
CA THR C 84 12.47 -10.21 -4.75
C THR C 84 12.09 -9.81 -6.18
N ASP C 85 12.19 -10.74 -7.12
CA ASP C 85 11.66 -10.53 -8.48
C ASP C 85 10.21 -10.96 -8.62
N SER C 86 9.66 -11.69 -7.65
CA SER C 86 8.28 -12.17 -7.72
C SER C 86 7.27 -11.00 -7.66
N GLU C 87 6.09 -11.21 -8.26
CA GLU C 87 5.05 -10.20 -8.30
C GLU C 87 4.51 -9.90 -6.91
N GLU C 88 4.39 -10.92 -6.08
CA GLU C 88 3.83 -10.76 -4.74
C GLU C 88 4.69 -9.85 -3.90
N GLU C 89 6.00 -9.89 -4.11
CA GLU C 89 6.90 -9.02 -3.37
C GLU C 89 7.05 -7.64 -3.97
N ILE C 90 6.91 -7.52 -5.27
CA ILE C 90 6.98 -6.23 -5.93
C ILE C 90 5.78 -5.38 -5.56
N ARG C 91 4.59 -5.99 -5.52
CA ARG C 91 3.40 -5.26 -5.10
C ARG C 91 3.59 -4.67 -3.70
N GLU C 92 4.15 -5.47 -2.81
CA GLU C 92 4.44 -5.07 -1.45
C GLU C 92 5.49 -3.98 -1.39
N ALA C 93 6.50 -4.07 -2.25
CA ALA C 93 7.53 -3.06 -2.36
C ALA C 93 6.98 -1.75 -2.94
N PHE C 94 6.01 -1.82 -3.85
CA PHE C 94 5.39 -0.62 -4.41
C PHE C 94 4.62 0.14 -3.32
N ARG C 95 4.15 -0.60 -2.32
CA ARG C 95 3.37 0.01 -1.22
C ARG C 95 4.24 0.95 -0.36
N VAL C 96 5.49 0.57 -0.18
CA VAL C 96 6.42 1.39 0.60
C VAL C 96 6.87 2.65 -0.17
N PHE C 97 7.32 2.49 -1.41
CA PHE C 97 7.79 3.60 -2.21
C PHE C 97 6.69 4.62 -2.48
N ASP C 98 5.52 4.15 -2.92
CA ASP C 98 4.39 5.05 -3.13
C ASP C 98 3.76 5.42 -1.81
N LYS C 99 4.32 6.36 -1.11
CA LYS C 99 3.92 6.65 0.25
C LYS C 99 2.54 7.32 0.35
N ASP C 100 2.25 8.26 -0.55
CA ASP C 100 0.99 8.98 -0.48
C ASP C 100 -0.16 8.19 -1.04
N GLY C 101 0.14 7.20 -1.89
CA GLY C 101 -0.88 6.22 -2.36
C GLY C 101 -1.62 6.64 -3.62
N ASN C 102 -1.05 7.53 -4.45
CA ASN C 102 -1.69 7.88 -5.70
C ASN C 102 -1.33 6.98 -6.88
N GLY C 103 -0.53 5.94 -6.64
CA GLY C 103 -0.12 4.98 -7.72
C GLY C 103 1.12 5.36 -8.52
N TYR C 104 1.83 6.40 -8.09
CA TYR C 104 3.01 6.90 -8.80
C TYR C 104 4.09 7.21 -7.79
N ILE C 105 5.32 6.84 -8.11
CA ILE C 105 6.44 7.15 -7.25
C ILE C 105 7.06 8.45 -7.75
N SER C 106 7.09 9.44 -6.89
CA SER C 106 7.73 10.69 -7.17
C SER C 106 9.16 10.68 -6.67
N ALA C 107 9.94 11.65 -7.11
CA ALA C 107 11.33 11.76 -6.68
C ALA C 107 11.40 12.00 -5.18
N ALA C 108 10.48 12.81 -4.66
CA ALA C 108 10.41 13.07 -3.22
C ALA C 108 10.11 11.76 -2.45
N GLU C 109 9.23 10.94 -2.98
CA GLU C 109 8.96 9.62 -2.35
C GLU C 109 10.21 8.72 -2.47
N LEU C 110 10.85 8.71 -3.62
CA LEU C 110 12.06 7.96 -3.76
C LEU C 110 13.16 8.46 -2.84
N ARG C 111 13.25 9.78 -2.64
CA ARG C 111 14.26 10.32 -1.74
C ARG C 111 13.96 9.89 -0.29
N HIS C 112 12.71 10.03 0.13
CA HIS C 112 12.33 9.71 1.49
C HIS C 112 12.65 8.23 1.82
N VAL C 113 12.49 7.34 0.86
CA VAL C 113 12.74 5.93 1.11
C VAL C 113 14.25 5.69 1.17
N MET C 114 14.98 6.23 0.18
CA MET C 114 16.44 6.06 0.14
C MET C 114 17.12 6.62 1.41
N THR C 115 16.59 7.72 1.94
CA THR C 115 17.11 8.26 3.18
C THR C 115 16.82 7.35 4.36
N ASN C 116 15.60 6.84 4.44
CA ASN C 116 15.24 5.89 5.51
C ASN C 116 15.97 4.55 5.44
N LEU C 117 16.53 4.22 4.28
CA LEU C 117 17.33 3.02 4.12
C LEU C 117 18.81 3.26 4.46
N GLY C 118 19.15 4.50 4.84
CA GLY C 118 20.51 4.87 5.17
C GLY C 118 21.33 5.35 3.99
N GLU C 119 20.68 5.65 2.88
CA GLU C 119 21.40 6.14 1.69
C GLU C 119 21.41 7.66 1.73
N LYS C 120 22.56 8.25 1.43
CA LYS C 120 22.71 9.71 1.48
C LYS C 120 22.84 10.21 0.05
N LEU C 121 21.72 10.29 -0.65
CA LEU C 121 21.70 10.58 -2.07
C LEU C 121 21.28 12.02 -2.33
N THR C 122 21.92 12.66 -3.30
CA THR C 122 21.58 14.02 -3.69
C THR C 122 20.28 14.07 -4.48
N ASP C 123 19.68 15.26 -4.51
CA ASP C 123 18.47 15.48 -5.28
C ASP C 123 18.67 15.12 -6.74
N GLU C 124 19.80 15.53 -7.32
CA GLU C 124 20.07 15.32 -8.74
C GLU C 124 20.08 13.83 -9.10
N GLU C 125 20.72 13.02 -8.26
CA GLU C 125 20.82 11.59 -8.51
C GLU C 125 19.45 10.90 -8.44
N VAL C 126 18.65 11.29 -7.46
CA VAL C 126 17.31 10.75 -7.32
C VAL C 126 16.44 11.17 -8.49
N ASP C 127 16.59 12.42 -8.93
CA ASP C 127 15.87 12.90 -10.11
C ASP C 127 16.29 12.09 -11.33
N GLU C 128 17.58 11.78 -11.45
CA GLU C 128 18.08 10.93 -12.53
C GLU C 128 17.57 9.50 -12.38
N MET C 129 17.42 9.02 -11.16
CA MET C 129 16.86 7.68 -10.92
C MET C 129 15.45 7.57 -11.43
N ILE C 130 14.64 8.63 -11.22
CA ILE C 130 13.26 8.63 -11.73
C ILE C 130 13.24 8.57 -13.26
N ARG C 131 14.08 9.38 -13.91
CA ARG C 131 14.04 9.54 -15.36
C ARG C 131 14.31 8.24 -16.10
N GLU C 132 15.30 7.48 -15.64
CA GLU C 132 15.64 6.19 -16.26
C GLU C 132 14.45 5.21 -16.13
N ALA C 133 13.74 5.28 -15.00
CA ALA C 133 12.58 4.45 -14.75
C ALA C 133 11.33 4.89 -15.53
N ASP C 134 11.19 6.19 -15.76
CA ASP C 134 9.98 6.72 -16.37
C ASP C 134 9.95 6.61 -17.89
N ILE C 135 9.26 5.57 -18.35
CA ILE C 135 9.08 5.27 -19.75
C ILE C 135 8.13 6.27 -20.42
N ASP C 136 6.99 6.60 -19.79
CA ASP C 136 6.04 7.49 -20.43
C ASP C 136 6.32 9.00 -20.23
N GLY C 137 7.43 9.33 -19.58
CA GLY C 137 7.91 10.71 -19.51
C GLY C 137 7.07 11.64 -18.66
N ASP C 138 6.26 11.08 -17.74
CA ASP C 138 5.37 11.93 -16.94
C ASP C 138 6.03 12.42 -15.66
N GLY C 139 7.28 12.03 -15.42
CA GLY C 139 8.04 12.52 -14.26
C GLY C 139 7.95 11.63 -13.05
N GLN C 140 7.14 10.57 -13.08
CA GLN C 140 6.97 9.70 -11.92
C GLN C 140 6.95 8.24 -12.38
N VAL C 141 7.07 7.31 -11.45
CA VAL C 141 7.09 5.87 -11.77
C VAL C 141 5.83 5.20 -11.27
N ASN C 142 5.01 4.71 -12.20
CA ASN C 142 3.81 3.96 -11.88
C ASN C 142 4.17 2.52 -11.65
N TYR C 143 3.19 1.64 -11.45
CA TYR C 143 3.48 0.24 -11.10
C TYR C 143 4.14 -0.50 -12.25
N GLU C 144 3.63 -0.36 -13.47
CA GLU C 144 4.16 -1.10 -14.60
C GLU C 144 5.62 -0.74 -14.84
N GLU C 145 5.97 0.53 -14.75
CA GLU C 145 7.37 0.90 -14.88
C GLU C 145 8.15 0.41 -13.67
N PHE C 146 7.54 0.43 -12.49
CA PHE C 146 8.23 -0.05 -11.30
C PHE C 146 8.56 -1.53 -11.40
N VAL C 147 7.70 -2.30 -12.09
CA VAL C 147 7.93 -3.69 -12.35
C VAL C 147 9.07 -3.84 -13.35
N GLN C 148 9.05 -3.02 -14.38
CA GLN C 148 10.04 -3.14 -15.47
C GLN C 148 11.47 -2.91 -14.99
N MET C 149 11.69 -2.08 -13.99
CA MET C 149 13.04 -1.82 -13.50
C MET C 149 13.63 -3.02 -12.76
N MET C 150 12.80 -3.80 -12.09
CA MET C 150 13.29 -5.10 -11.58
C MET C 150 13.48 -6.10 -12.72
N THR C 151 12.40 -6.36 -13.47
CA THR C 151 12.43 -7.36 -14.55
C THR C 151 12.93 -6.71 -15.84
N LEU D 5 1.49 -18.51 11.62
CA LEU D 5 0.63 -17.39 11.17
C LEU D 5 1.32 -16.06 11.46
N VAL D 6 1.63 -15.83 12.73
CA VAL D 6 2.49 -14.72 13.11
C VAL D 6 3.83 -14.83 12.40
N ARG D 7 4.32 -16.06 12.26
CA ARG D 7 5.54 -16.33 11.54
C ARG D 7 5.39 -15.85 10.11
N LYS D 8 4.29 -16.22 9.48
CA LYS D 8 4.08 -15.83 8.10
C LYS D 8 3.92 -14.30 7.94
N ALA D 9 3.29 -13.64 8.89
CA ALA D 9 3.16 -12.18 8.88
C ALA D 9 4.52 -11.48 9.07
N PHE D 10 5.41 -12.12 9.82
CA PHE D 10 6.75 -11.60 10.00
C PHE D 10 7.59 -11.73 8.72
N ARG D 11 7.58 -12.91 8.12
CA ARG D 11 8.35 -13.09 6.89
C ARG D 11 7.83 -12.18 5.76
N HIS D 12 6.52 -12.04 5.67
CA HIS D 12 5.90 -11.22 4.64
C HIS D 12 6.36 -9.76 4.75
N ARG D 13 6.30 -9.23 5.95
CA ARG D 13 6.69 -7.86 6.16
C ARG D 13 8.14 -7.68 5.80
N LEU D 14 8.97 -8.65 6.18
CA LEU D 14 10.42 -8.51 5.93
C LEU D 14 10.84 -8.74 4.49
N TRP D 15 10.19 -9.67 3.82
CA TRP D 15 10.44 -9.81 2.38
C TRP D 15 10.05 -8.57 1.63
N ALA D 16 9.04 -7.85 2.11
CA ALA D 16 8.72 -6.54 1.59
C ALA D 16 9.90 -5.60 1.80
N VAL D 17 10.51 -5.63 3.00
CA VAL D 17 11.64 -4.76 3.29
C VAL D 17 12.84 -5.15 2.45
N ILE D 18 13.09 -6.43 2.34
CA ILE D 18 14.23 -6.91 1.57
C ILE D 18 14.07 -6.51 0.11
N THR D 19 12.87 -6.65 -0.43
CA THR D 19 12.61 -6.26 -1.82
C THR D 19 12.78 -4.76 -2.03
N VAL D 20 12.40 -3.95 -1.07
CA VAL D 20 12.64 -2.52 -1.16
C VAL D 20 14.14 -2.25 -1.22
N GLN D 21 14.91 -2.95 -0.40
CA GLN D 21 16.34 -2.76 -0.37
C GLN D 21 16.96 -3.24 -1.67
N ALA D 22 16.46 -4.38 -2.19
CA ALA D 22 16.94 -4.91 -3.50
C ALA D 22 16.68 -3.87 -4.59
N TYR D 23 15.54 -3.24 -4.55
CA TYR D 23 15.25 -2.20 -5.53
C TYR D 23 16.22 -1.04 -5.40
N ALA D 24 16.46 -0.59 -4.17
CA ALA D 24 17.39 0.51 -3.93
C ALA D 24 18.82 0.11 -4.36
N ARG D 25 19.16 -1.16 -4.16
CA ARG D 25 20.48 -1.60 -4.56
C ARG D 25 20.65 -1.58 -6.07
N GLY D 26 19.58 -2.01 -6.77
CA GLY D 26 19.53 -1.97 -8.21
C GLY D 26 19.61 -0.58 -8.84
N MET D 27 19.06 0.41 -8.16
CA MET D 27 19.04 1.78 -8.66
C MET D 27 20.43 2.38 -8.50
N ILE D 28 21.04 2.10 -7.36
CA ILE D 28 22.35 2.60 -7.10
C ILE D 28 23.33 1.97 -8.05
N ALA D 29 23.19 0.67 -8.25
CA ALA D 29 24.05 -0.02 -9.19
C ALA D 29 23.81 0.50 -10.60
N ARG D 30 22.56 0.73 -10.96
CA ARG D 30 22.25 1.18 -12.29
C ARG D 30 22.81 2.57 -12.45
N ARG D 31 22.65 3.44 -11.47
CA ARG D 31 23.22 4.75 -11.62
C ARG D 31 24.73 4.65 -11.63
N LEU D 32 25.31 3.80 -10.79
CA LEU D 32 26.78 3.65 -10.81
C LEU D 32 27.28 3.15 -12.17
N HIS D 33 26.57 2.22 -12.80
CA HIS D 33 26.96 1.72 -14.12
C HIS D 33 26.61 2.72 -15.22
CA CA E . -20.01 17.98 0.60
CA CA F . -17.38 23.13 -9.20
CA CA G . -3.42 -7.40 7.76
CA CA H . -6.08 -17.54 4.59
CA CA I . 19.04 -2.28 18.48
CA CA J . 17.17 -12.96 21.37
CA CA K . 2.86 8.77 -5.00
CA CA L . 5.84 7.35 -15.64
S SO4 M . -1.25 5.07 -16.14
O1 SO4 M . -1.79 3.83 -15.53
O2 SO4 M . 0.07 5.33 -15.53
O3 SO4 M . -2.15 6.22 -15.85
O4 SO4 M . -1.12 4.91 -17.60
S SO4 N . 1.70 -8.74 12.02
O1 SO4 N . 2.15 -9.19 13.36
O2 SO4 N . 2.81 -8.87 11.07
O3 SO4 N . 0.54 -9.58 11.62
O4 SO4 N . 1.28 -7.32 12.04
S SO4 O . 6.70 -22.06 9.85
O1 SO4 O . 6.00 -21.12 10.76
O2 SO4 O . 8.14 -22.09 10.18
O3 SO4 O . 6.15 -23.44 10.01
O4 SO4 O . 6.49 -21.61 8.46
#